data_1ID7
# 
_entry.id   1ID7 
# 
_audit_conform.dict_name       mmcif_pdbx.dic 
_audit_conform.dict_version    5.392 
_audit_conform.dict_location   http://mmcif.pdb.org/dictionaries/ascii/mmcif_pdbx.dic 
# 
loop_
_database_2.database_id 
_database_2.database_code 
_database_2.pdbx_database_accession 
_database_2.pdbx_DOI 
PDB   1ID7         pdb_00001id7 10.2210/pdb1id7/pdb 
RCSB  RCSB013177   ?            ?                   
WWPDB D_1000013177 ?            ?                   
# 
loop_
_pdbx_audit_revision_history.ordinal 
_pdbx_audit_revision_history.data_content_type 
_pdbx_audit_revision_history.major_revision 
_pdbx_audit_revision_history.minor_revision 
_pdbx_audit_revision_history.revision_date 
1 'Structure model' 1 0 2002-04-10 
2 'Structure model' 1 1 2008-04-27 
3 'Structure model' 1 2 2011-07-13 
4 'Structure model' 1 3 2022-02-23 
5 'Structure model' 1 4 2024-05-29 
# 
_pdbx_audit_revision_details.ordinal             1 
_pdbx_audit_revision_details.revision_ordinal    1 
_pdbx_audit_revision_details.data_content_type   'Structure model' 
_pdbx_audit_revision_details.provider            repository 
_pdbx_audit_revision_details.type                'Initial release' 
_pdbx_audit_revision_details.description         ? 
_pdbx_audit_revision_details.details             ? 
# 
loop_
_pdbx_audit_revision_group.ordinal 
_pdbx_audit_revision_group.revision_ordinal 
_pdbx_audit_revision_group.data_content_type 
_pdbx_audit_revision_group.group 
1 2 'Structure model' 'Version format compliance' 
2 3 'Structure model' 'Version format compliance' 
3 4 'Structure model' 'Database references'       
4 4 'Structure model' 'Derived calculations'      
5 5 'Structure model' 'Data collection'           
# 
loop_
_pdbx_audit_revision_category.ordinal 
_pdbx_audit_revision_category.revision_ordinal 
_pdbx_audit_revision_category.data_content_type 
_pdbx_audit_revision_category.category 
1 4 'Structure model' database_2            
2 4 'Structure model' pdbx_struct_assembly  
3 4 'Structure model' pdbx_struct_oper_list 
4 5 'Structure model' chem_comp_atom        
5 5 'Structure model' chem_comp_bond        
# 
loop_
_pdbx_audit_revision_item.ordinal 
_pdbx_audit_revision_item.revision_ordinal 
_pdbx_audit_revision_item.data_content_type 
_pdbx_audit_revision_item.item 
1 4 'Structure model' '_database_2.pdbx_DOI'                
2 4 'Structure model' '_database_2.pdbx_database_accession' 
# 
_pdbx_database_status.status_code                     REL 
_pdbx_database_status.entry_id                        1ID7 
_pdbx_database_status.recvd_initial_deposition_date   2001-04-04 
_pdbx_database_status.deposit_site                    RCSB 
_pdbx_database_status.process_site                    PDBJ 
_pdbx_database_status.status_code_mr                  REL 
_pdbx_database_status.SG_entry                        . 
_pdbx_database_status.pdb_format_compatible           Y 
_pdbx_database_status.status_code_sf                  ? 
_pdbx_database_status.status_code_cs                  ? 
_pdbx_database_status.status_code_nmr_data            ? 
_pdbx_database_status.methods_development_category    ? 
# 
_pdbx_database_related.db_name        PDB 
_pdbx_database_related.db_id          1ID6 
_pdbx_database_related.details        
'1ID6 contains the origninal 11 structures which were used for calculation of this average structure.' 
_pdbx_database_related.content_type   unspecified 
# 
loop_
_audit_author.name 
_audit_author.pdbx_ordinal 
'Sato, A.'      1 
'Kawaguchi, K.' 2 
'Kimura, K.'    3 
'Tanimura, R.'  4 
'Sone, S.'      5 
# 
_citation.id                        primary 
_citation.title                     
'A peptide mimetic of IFN, the first proof of a small peptidic agonist for heterodimeric cytokine receptor' 
_citation.journal_abbrev            'To be Published' 
_citation.journal_volume            ? 
_citation.page_first                ? 
_citation.page_last                 ? 
_citation.year                      ? 
_citation.journal_id_ASTM           ? 
_citation.country                   ? 
_citation.journal_id_ISSN           ? 
_citation.journal_id_CSD            0353 
_citation.book_publisher            ? 
_citation.pdbx_database_id_PubMed   ? 
_citation.pdbx_database_id_DOI      ? 
# 
loop_
_citation_author.citation_id 
_citation_author.name 
_citation_author.ordinal 
_citation_author.identifier_ORCID 
primary 'Sato, A.'      1 ? 
primary 'Kawaguchi, K.' 2 ? 
primary 'Kimura, K.'    3 ? 
primary 'Tanimura, R.'  4 ? 
primary 'Sone, S.'      5 ? 
# 
_entity.id                         1 
_entity.type                       polymer 
_entity.src_method                 syn 
_entity.pdbx_description           SYR6 
_entity.formula_weight             1784.942 
_entity.pdbx_number_of_molecules   1 
_entity.pdbx_ec                    ? 
_entity.pdbx_mutation              ? 
_entity.pdbx_fragment              ? 
_entity.details                    ? 
# 
_entity_poly.entity_id                      1 
_entity_poly.type                           'polypeptide(L)' 
_entity_poly.nstd_linkage                   no 
_entity_poly.nstd_monomer                   no 
_entity_poly.pdbx_seq_one_letter_code       SVQARWEAAFDLDLY 
_entity_poly.pdbx_seq_one_letter_code_can   SVQARWEAAFDLDLY 
_entity_poly.pdbx_strand_id                 A 
_entity_poly.pdbx_target_identifier         ? 
# 
loop_
_entity_poly_seq.entity_id 
_entity_poly_seq.num 
_entity_poly_seq.mon_id 
_entity_poly_seq.hetero 
1 1  SER n 
1 2  VAL n 
1 3  GLN n 
1 4  ALA n 
1 5  ARG n 
1 6  TRP n 
1 7  GLU n 
1 8  ALA n 
1 9  ALA n 
1 10 PHE n 
1 11 ASP n 
1 12 LEU n 
1 13 ASP n 
1 14 LEU n 
1 15 TYR n 
# 
_pdbx_entity_src_syn.entity_id              1 
_pdbx_entity_src_syn.pdbx_src_id            1 
_pdbx_entity_src_syn.pdbx_alt_source_flag   sample 
_pdbx_entity_src_syn.pdbx_beg_seq_num       ? 
_pdbx_entity_src_syn.pdbx_end_seq_num       ? 
_pdbx_entity_src_syn.organism_scientific    ? 
_pdbx_entity_src_syn.organism_common_name   ? 
_pdbx_entity_src_syn.ncbi_taxonomy_id       ? 
_pdbx_entity_src_syn.details                'chemically synthesized' 
# 
loop_
_chem_comp.id 
_chem_comp.type 
_chem_comp.mon_nstd_flag 
_chem_comp.name 
_chem_comp.pdbx_synonyms 
_chem_comp.formula 
_chem_comp.formula_weight 
ALA 'L-peptide linking' y ALANINE         ? 'C3 H7 N O2'     89.093  
ARG 'L-peptide linking' y ARGININE        ? 'C6 H15 N4 O2 1' 175.209 
ASP 'L-peptide linking' y 'ASPARTIC ACID' ? 'C4 H7 N O4'     133.103 
GLN 'L-peptide linking' y GLUTAMINE       ? 'C5 H10 N2 O3'   146.144 
GLU 'L-peptide linking' y 'GLUTAMIC ACID' ? 'C5 H9 N O4'     147.129 
LEU 'L-peptide linking' y LEUCINE         ? 'C6 H13 N O2'    131.173 
PHE 'L-peptide linking' y PHENYLALANINE   ? 'C9 H11 N O2'    165.189 
SER 'L-peptide linking' y SERINE          ? 'C3 H7 N O3'     105.093 
TRP 'L-peptide linking' y TRYPTOPHAN      ? 'C11 H12 N2 O2'  204.225 
TYR 'L-peptide linking' y TYROSINE        ? 'C9 H11 N O3'    181.189 
VAL 'L-peptide linking' y VALINE          ? 'C5 H11 N O2'    117.146 
# 
loop_
_pdbx_poly_seq_scheme.asym_id 
_pdbx_poly_seq_scheme.entity_id 
_pdbx_poly_seq_scheme.seq_id 
_pdbx_poly_seq_scheme.mon_id 
_pdbx_poly_seq_scheme.ndb_seq_num 
_pdbx_poly_seq_scheme.pdb_seq_num 
_pdbx_poly_seq_scheme.auth_seq_num 
_pdbx_poly_seq_scheme.pdb_mon_id 
_pdbx_poly_seq_scheme.auth_mon_id 
_pdbx_poly_seq_scheme.pdb_strand_id 
_pdbx_poly_seq_scheme.pdb_ins_code 
_pdbx_poly_seq_scheme.hetero 
A 1 1  SER 1  1  ?  ?   ?   A . n 
A 1 2  VAL 2  2  2  VAL VAL A . n 
A 1 3  GLN 3  3  3  GLN GLN A . n 
A 1 4  ALA 4  4  4  ALA ALA A . n 
A 1 5  ARG 5  5  5  ARG ARG A . n 
A 1 6  TRP 6  6  6  TRP TRP A . n 
A 1 7  GLU 7  7  7  GLU GLU A . n 
A 1 8  ALA 8  8  8  ALA ALA A . n 
A 1 9  ALA 9  9  9  ALA ALA A . n 
A 1 10 PHE 10 10 10 PHE PHE A . n 
A 1 11 ASP 11 11 11 ASP ASP A . n 
A 1 12 LEU 12 12 12 LEU LEU A . n 
A 1 13 ASP 13 13 13 ASP ASP A . n 
A 1 14 LEU 14 14 ?  ?   ?   A . n 
A 1 15 TYR 15 15 ?  ?   ?   A . n 
# 
_exptl.entry_id          1ID7 
_exptl.method            'SOLUTION NMR' 
_exptl.crystals_number   ? 
# 
_exptl_crystal.id                    1 
_exptl_crystal.density_meas          ? 
_exptl_crystal.density_Matthews      ? 
_exptl_crystal.density_percent_sol   ? 
_exptl_crystal.description           ? 
# 
_diffrn.id                     1 
_diffrn.ambient_temp           ? 
_diffrn.ambient_temp_details   ? 
_diffrn.crystal_id             1 
# 
_diffrn_radiation.diffrn_id                        1 
_diffrn_radiation.wavelength_id                    1 
_diffrn_radiation.pdbx_monochromatic_or_laue_m_l   M 
_diffrn_radiation.monochromator                    ? 
_diffrn_radiation.pdbx_diffrn_protocol             'SINGLE WAVELENGTH' 
_diffrn_radiation.pdbx_scattering_type             ? 
# 
_diffrn_radiation_wavelength.id           1 
_diffrn_radiation_wavelength.wavelength   . 
_diffrn_radiation_wavelength.wt           1.0 
# 
_struct.entry_id                  1ID7 
_struct.title                     'SOLUTION STRUCTURE OF SYR6' 
_struct.pdbx_model_details        ? 
_struct.pdbx_CASP_flag            ? 
_struct.pdbx_model_type_details   'minimized average' 
# 
_struct_keywords.entry_id        1ID7 
_struct_keywords.pdbx_keywords   'ANTIVIRAL PROTEIN' 
_struct_keywords.text            'SYR6, ANTIVIRAL PROTEIN' 
# 
_struct_asym.id                            A 
_struct_asym.pdbx_blank_PDB_chainid_flag   N 
_struct_asym.pdbx_modified                 N 
_struct_asym.entity_id                     1 
_struct_asym.details                       ? 
# 
_struct_ref.id                         1 
_struct_ref.db_name                    'GB ' 
_struct_ref.db_code                    BAB62415 
_struct_ref.entity_id                  1 
_struct_ref.pdbx_seq_one_letter_code   ? 
_struct_ref.pdbx_align_begin           ? 
_struct_ref.pdbx_db_accession          15076606 
_struct_ref.pdbx_db_isoform            ? 
# 
_struct_ref_seq.align_id                      1 
_struct_ref_seq.ref_id                        1 
_struct_ref_seq.pdbx_PDB_id_code              1ID7 
_struct_ref_seq.pdbx_strand_id                A 
_struct_ref_seq.seq_align_beg                 1 
_struct_ref_seq.pdbx_seq_align_beg_ins_code   ? 
_struct_ref_seq.seq_align_end                 15 
_struct_ref_seq.pdbx_seq_align_end_ins_code   ? 
_struct_ref_seq.pdbx_db_accession             15076606 
_struct_ref_seq.db_align_beg                  1 
_struct_ref_seq.pdbx_db_align_beg_ins_code    ? 
_struct_ref_seq.db_align_end                  15 
_struct_ref_seq.pdbx_db_align_end_ins_code    ? 
_struct_ref_seq.pdbx_auth_seq_align_beg       1 
_struct_ref_seq.pdbx_auth_seq_align_end       15 
# 
_pdbx_struct_assembly.id                   1 
_pdbx_struct_assembly.details              author_defined_assembly 
_pdbx_struct_assembly.method_details       ? 
_pdbx_struct_assembly.oligomeric_details   monomeric 
_pdbx_struct_assembly.oligomeric_count     1 
# 
_pdbx_struct_assembly_gen.assembly_id       1 
_pdbx_struct_assembly_gen.oper_expression   1 
_pdbx_struct_assembly_gen.asym_id_list      A 
# 
_pdbx_struct_oper_list.id                   1 
_pdbx_struct_oper_list.type                 'identity operation' 
_pdbx_struct_oper_list.name                 1_555 
_pdbx_struct_oper_list.symmetry_operation   x,y,z 
_pdbx_struct_oper_list.matrix[1][1]         1.0000000000 
_pdbx_struct_oper_list.matrix[1][2]         0.0000000000 
_pdbx_struct_oper_list.matrix[1][3]         0.0000000000 
_pdbx_struct_oper_list.vector[1]            0.0000000000 
_pdbx_struct_oper_list.matrix[2][1]         0.0000000000 
_pdbx_struct_oper_list.matrix[2][2]         1.0000000000 
_pdbx_struct_oper_list.matrix[2][3]         0.0000000000 
_pdbx_struct_oper_list.vector[2]            0.0000000000 
_pdbx_struct_oper_list.matrix[3][1]         0.0000000000 
_pdbx_struct_oper_list.matrix[3][2]         0.0000000000 
_pdbx_struct_oper_list.matrix[3][3]         1.0000000000 
_pdbx_struct_oper_list.vector[3]            0.0000000000 
# 
_struct_biol.id                    1 
_struct_biol.pdbx_parent_biol_id   ? 
_struct_biol.details               ? 
# 
loop_
_pdbx_validate_torsion.id 
_pdbx_validate_torsion.PDB_model_num 
_pdbx_validate_torsion.auth_comp_id 
_pdbx_validate_torsion.auth_asym_id 
_pdbx_validate_torsion.auth_seq_id 
_pdbx_validate_torsion.PDB_ins_code 
_pdbx_validate_torsion.label_alt_id 
_pdbx_validate_torsion.phi 
_pdbx_validate_torsion.psi 
1 1 GLN A 3  ? ? -136.05 -38.54  
2 1 ALA A 4  ? ? 58.58   -177.09 
3 1 ARG A 5  ? ? 34.15   37.81   
4 1 TRP A 6  ? ? -145.62 -150.46 
5 1 GLU A 7  ? ? -36.87  -35.46  
6 1 ALA A 8  ? ? -156.57 -82.21  
7 1 ALA A 9  ? ? 164.58  145.15  
8 1 PHE A 10 ? ? -124.56 -88.31  
# 
_pdbx_validate_main_chain_plane.id                       1 
_pdbx_validate_main_chain_plane.PDB_model_num            1 
_pdbx_validate_main_chain_plane.auth_comp_id             ALA 
_pdbx_validate_main_chain_plane.auth_asym_id             A 
_pdbx_validate_main_chain_plane.auth_seq_id              4 
_pdbx_validate_main_chain_plane.PDB_ins_code             ? 
_pdbx_validate_main_chain_plane.label_alt_id             ? 
_pdbx_validate_main_chain_plane.improper_torsion_angle   -13.94 
# 
_pdbx_nmr_ensemble.entry_id                                      1ID7 
_pdbx_nmr_ensemble.conformers_calculated_total_number            750 
_pdbx_nmr_ensemble.conformers_submitted_total_number             1 
_pdbx_nmr_ensemble.conformer_selection_criteria                  
'Average structure of the 11 structures with the least restraint violations' 
_pdbx_nmr_ensemble.average_constraints_per_residue               ? 
_pdbx_nmr_ensemble.average_constraint_violations_per_residue     ? 
_pdbx_nmr_ensemble.maximum_distance_constraint_violation         ? 
_pdbx_nmr_ensemble.average_distance_constraint_violation         ? 
_pdbx_nmr_ensemble.maximum_upper_distance_constraint_violation   ? 
_pdbx_nmr_ensemble.maximum_lower_distance_constraint_violation   ? 
_pdbx_nmr_ensemble.distance_constraint_violation_method          ? 
_pdbx_nmr_ensemble.maximum_torsion_angle_constraint_violation    ? 
_pdbx_nmr_ensemble.average_torsion_angle_constraint_violation    ? 
_pdbx_nmr_ensemble.torsion_angle_constraint_violation_method     ? 
# 
_pdbx_nmr_representative.entry_id             1ID7 
_pdbx_nmr_representative.conformer_id         1 
_pdbx_nmr_representative.selection_criteria   'minimized average structure' 
# 
_pdbx_nmr_sample_details.solution_id      1 
_pdbx_nmr_sample_details.contents         '2.0mM SYR6; deuterated dimethyl sulfoxide 100%' 
_pdbx_nmr_sample_details.solvent_system   'deuterated dimethyl sulfoxide 100%' 
# 
_pdbx_nmr_exptl_sample_conditions.conditions_id       1 
_pdbx_nmr_exptl_sample_conditions.temperature         293 
_pdbx_nmr_exptl_sample_conditions.pressure            ambient 
_pdbx_nmr_exptl_sample_conditions.pH                  ? 
_pdbx_nmr_exptl_sample_conditions.ionic_strength      ? 
_pdbx_nmr_exptl_sample_conditions.pressure_units      ? 
_pdbx_nmr_exptl_sample_conditions.temperature_units   K 
# 
loop_
_pdbx_nmr_exptl.experiment_id 
_pdbx_nmr_exptl.solution_id 
_pdbx_nmr_exptl.conditions_id 
_pdbx_nmr_exptl.type 
1 1 1 DQF-COSY   
2 1 1 TOCSY      
3 1 1 '2D NOESY' 
# 
_pdbx_nmr_details.entry_id   1ID7 
_pdbx_nmr_details.text       'This structure was determined using standard 2D homonuclear techniques.' 
# 
_pdbx_nmr_refine.entry_id           1ID7 
_pdbx_nmr_refine.method             '4D simulated annealing' 
_pdbx_nmr_refine.details            
;The average structure of the 11 structures that are based on 66 NOE-derived  
distance constraints.
;
_pdbx_nmr_refine.software_ordinal   1 
# 
loop_
_pdbx_nmr_software.name 
_pdbx_nmr_software.version 
_pdbx_nmr_software.classification 
_pdbx_nmr_software.authors 
_pdbx_nmr_software.ordinal 
EMBOSS 5.0 'structure solution' 'Morikawa, S. et. al.' 1 
EMBOSS 5.0 refinement           'Morikawa, S. et. al.' 2 
# 
loop_
_pdbx_unobs_or_zero_occ_residues.id 
_pdbx_unobs_or_zero_occ_residues.PDB_model_num 
_pdbx_unobs_or_zero_occ_residues.polymer_flag 
_pdbx_unobs_or_zero_occ_residues.occupancy_flag 
_pdbx_unobs_or_zero_occ_residues.auth_asym_id 
_pdbx_unobs_or_zero_occ_residues.auth_comp_id 
_pdbx_unobs_or_zero_occ_residues.auth_seq_id 
_pdbx_unobs_or_zero_occ_residues.PDB_ins_code 
_pdbx_unobs_or_zero_occ_residues.label_asym_id 
_pdbx_unobs_or_zero_occ_residues.label_comp_id 
_pdbx_unobs_or_zero_occ_residues.label_seq_id 
1 1 Y 1 A SER 1  ? A SER 1  
2 1 Y 1 A LEU 14 ? A LEU 14 
3 1 Y 1 A TYR 15 ? A TYR 15 
# 
loop_
_chem_comp_atom.comp_id 
_chem_comp_atom.atom_id 
_chem_comp_atom.type_symbol 
_chem_comp_atom.pdbx_aromatic_flag 
_chem_comp_atom.pdbx_stereo_config 
_chem_comp_atom.pdbx_ordinal 
ALA N    N N N 1   
ALA CA   C N S 2   
ALA C    C N N 3   
ALA O    O N N 4   
ALA CB   C N N 5   
ALA OXT  O N N 6   
ALA H    H N N 7   
ALA H2   H N N 8   
ALA HA   H N N 9   
ALA HB1  H N N 10  
ALA HB2  H N N 11  
ALA HB3  H N N 12  
ALA HXT  H N N 13  
ARG N    N N N 14  
ARG CA   C N S 15  
ARG C    C N N 16  
ARG O    O N N 17  
ARG CB   C N N 18  
ARG CG   C N N 19  
ARG CD   C N N 20  
ARG NE   N N N 21  
ARG CZ   C N N 22  
ARG NH1  N N N 23  
ARG NH2  N N N 24  
ARG OXT  O N N 25  
ARG H    H N N 26  
ARG H2   H N N 27  
ARG HA   H N N 28  
ARG HB2  H N N 29  
ARG HB3  H N N 30  
ARG HG2  H N N 31  
ARG HG3  H N N 32  
ARG HD2  H N N 33  
ARG HD3  H N N 34  
ARG HE   H N N 35  
ARG HH11 H N N 36  
ARG HH12 H N N 37  
ARG HH21 H N N 38  
ARG HH22 H N N 39  
ARG HXT  H N N 40  
ASP N    N N N 41  
ASP CA   C N S 42  
ASP C    C N N 43  
ASP O    O N N 44  
ASP CB   C N N 45  
ASP CG   C N N 46  
ASP OD1  O N N 47  
ASP OD2  O N N 48  
ASP OXT  O N N 49  
ASP H    H N N 50  
ASP H2   H N N 51  
ASP HA   H N N 52  
ASP HB2  H N N 53  
ASP HB3  H N N 54  
ASP HD2  H N N 55  
ASP HXT  H N N 56  
GLN N    N N N 57  
GLN CA   C N S 58  
GLN C    C N N 59  
GLN O    O N N 60  
GLN CB   C N N 61  
GLN CG   C N N 62  
GLN CD   C N N 63  
GLN OE1  O N N 64  
GLN NE2  N N N 65  
GLN OXT  O N N 66  
GLN H    H N N 67  
GLN H2   H N N 68  
GLN HA   H N N 69  
GLN HB2  H N N 70  
GLN HB3  H N N 71  
GLN HG2  H N N 72  
GLN HG3  H N N 73  
GLN HE21 H N N 74  
GLN HE22 H N N 75  
GLN HXT  H N N 76  
GLU N    N N N 77  
GLU CA   C N S 78  
GLU C    C N N 79  
GLU O    O N N 80  
GLU CB   C N N 81  
GLU CG   C N N 82  
GLU CD   C N N 83  
GLU OE1  O N N 84  
GLU OE2  O N N 85  
GLU OXT  O N N 86  
GLU H    H N N 87  
GLU H2   H N N 88  
GLU HA   H N N 89  
GLU HB2  H N N 90  
GLU HB3  H N N 91  
GLU HG2  H N N 92  
GLU HG3  H N N 93  
GLU HE2  H N N 94  
GLU HXT  H N N 95  
LEU N    N N N 96  
LEU CA   C N S 97  
LEU C    C N N 98  
LEU O    O N N 99  
LEU CB   C N N 100 
LEU CG   C N N 101 
LEU CD1  C N N 102 
LEU CD2  C N N 103 
LEU OXT  O N N 104 
LEU H    H N N 105 
LEU H2   H N N 106 
LEU HA   H N N 107 
LEU HB2  H N N 108 
LEU HB3  H N N 109 
LEU HG   H N N 110 
LEU HD11 H N N 111 
LEU HD12 H N N 112 
LEU HD13 H N N 113 
LEU HD21 H N N 114 
LEU HD22 H N N 115 
LEU HD23 H N N 116 
LEU HXT  H N N 117 
PHE N    N N N 118 
PHE CA   C N S 119 
PHE C    C N N 120 
PHE O    O N N 121 
PHE CB   C N N 122 
PHE CG   C Y N 123 
PHE CD1  C Y N 124 
PHE CD2  C Y N 125 
PHE CE1  C Y N 126 
PHE CE2  C Y N 127 
PHE CZ   C Y N 128 
PHE OXT  O N N 129 
PHE H    H N N 130 
PHE H2   H N N 131 
PHE HA   H N N 132 
PHE HB2  H N N 133 
PHE HB3  H N N 134 
PHE HD1  H N N 135 
PHE HD2  H N N 136 
PHE HE1  H N N 137 
PHE HE2  H N N 138 
PHE HZ   H N N 139 
PHE HXT  H N N 140 
SER N    N N N 141 
SER CA   C N S 142 
SER C    C N N 143 
SER O    O N N 144 
SER CB   C N N 145 
SER OG   O N N 146 
SER OXT  O N N 147 
SER H    H N N 148 
SER H2   H N N 149 
SER HA   H N N 150 
SER HB2  H N N 151 
SER HB3  H N N 152 
SER HG   H N N 153 
SER HXT  H N N 154 
TRP N    N N N 155 
TRP CA   C N S 156 
TRP C    C N N 157 
TRP O    O N N 158 
TRP CB   C N N 159 
TRP CG   C Y N 160 
TRP CD1  C Y N 161 
TRP CD2  C Y N 162 
TRP NE1  N Y N 163 
TRP CE2  C Y N 164 
TRP CE3  C Y N 165 
TRP CZ2  C Y N 166 
TRP CZ3  C Y N 167 
TRP CH2  C Y N 168 
TRP OXT  O N N 169 
TRP H    H N N 170 
TRP H2   H N N 171 
TRP HA   H N N 172 
TRP HB2  H N N 173 
TRP HB3  H N N 174 
TRP HD1  H N N 175 
TRP HE1  H N N 176 
TRP HE3  H N N 177 
TRP HZ2  H N N 178 
TRP HZ3  H N N 179 
TRP HH2  H N N 180 
TRP HXT  H N N 181 
TYR N    N N N 182 
TYR CA   C N S 183 
TYR C    C N N 184 
TYR O    O N N 185 
TYR CB   C N N 186 
TYR CG   C Y N 187 
TYR CD1  C Y N 188 
TYR CD2  C Y N 189 
TYR CE1  C Y N 190 
TYR CE2  C Y N 191 
TYR CZ   C Y N 192 
TYR OH   O N N 193 
TYR OXT  O N N 194 
TYR H    H N N 195 
TYR H2   H N N 196 
TYR HA   H N N 197 
TYR HB2  H N N 198 
TYR HB3  H N N 199 
TYR HD1  H N N 200 
TYR HD2  H N N 201 
TYR HE1  H N N 202 
TYR HE2  H N N 203 
TYR HH   H N N 204 
TYR HXT  H N N 205 
VAL N    N N N 206 
VAL CA   C N S 207 
VAL C    C N N 208 
VAL O    O N N 209 
VAL CB   C N N 210 
VAL CG1  C N N 211 
VAL CG2  C N N 212 
VAL OXT  O N N 213 
VAL H    H N N 214 
VAL H2   H N N 215 
VAL HA   H N N 216 
VAL HB   H N N 217 
VAL HG11 H N N 218 
VAL HG12 H N N 219 
VAL HG13 H N N 220 
VAL HG21 H N N 221 
VAL HG22 H N N 222 
VAL HG23 H N N 223 
VAL HXT  H N N 224 
# 
loop_
_chem_comp_bond.comp_id 
_chem_comp_bond.atom_id_1 
_chem_comp_bond.atom_id_2 
_chem_comp_bond.value_order 
_chem_comp_bond.pdbx_aromatic_flag 
_chem_comp_bond.pdbx_stereo_config 
_chem_comp_bond.pdbx_ordinal 
ALA N   CA   sing N N 1   
ALA N   H    sing N N 2   
ALA N   H2   sing N N 3   
ALA CA  C    sing N N 4   
ALA CA  CB   sing N N 5   
ALA CA  HA   sing N N 6   
ALA C   O    doub N N 7   
ALA C   OXT  sing N N 8   
ALA CB  HB1  sing N N 9   
ALA CB  HB2  sing N N 10  
ALA CB  HB3  sing N N 11  
ALA OXT HXT  sing N N 12  
ARG N   CA   sing N N 13  
ARG N   H    sing N N 14  
ARG N   H2   sing N N 15  
ARG CA  C    sing N N 16  
ARG CA  CB   sing N N 17  
ARG CA  HA   sing N N 18  
ARG C   O    doub N N 19  
ARG C   OXT  sing N N 20  
ARG CB  CG   sing N N 21  
ARG CB  HB2  sing N N 22  
ARG CB  HB3  sing N N 23  
ARG CG  CD   sing N N 24  
ARG CG  HG2  sing N N 25  
ARG CG  HG3  sing N N 26  
ARG CD  NE   sing N N 27  
ARG CD  HD2  sing N N 28  
ARG CD  HD3  sing N N 29  
ARG NE  CZ   sing N N 30  
ARG NE  HE   sing N N 31  
ARG CZ  NH1  sing N N 32  
ARG CZ  NH2  doub N N 33  
ARG NH1 HH11 sing N N 34  
ARG NH1 HH12 sing N N 35  
ARG NH2 HH21 sing N N 36  
ARG NH2 HH22 sing N N 37  
ARG OXT HXT  sing N N 38  
ASP N   CA   sing N N 39  
ASP N   H    sing N N 40  
ASP N   H2   sing N N 41  
ASP CA  C    sing N N 42  
ASP CA  CB   sing N N 43  
ASP CA  HA   sing N N 44  
ASP C   O    doub N N 45  
ASP C   OXT  sing N N 46  
ASP CB  CG   sing N N 47  
ASP CB  HB2  sing N N 48  
ASP CB  HB3  sing N N 49  
ASP CG  OD1  doub N N 50  
ASP CG  OD2  sing N N 51  
ASP OD2 HD2  sing N N 52  
ASP OXT HXT  sing N N 53  
GLN N   CA   sing N N 54  
GLN N   H    sing N N 55  
GLN N   H2   sing N N 56  
GLN CA  C    sing N N 57  
GLN CA  CB   sing N N 58  
GLN CA  HA   sing N N 59  
GLN C   O    doub N N 60  
GLN C   OXT  sing N N 61  
GLN CB  CG   sing N N 62  
GLN CB  HB2  sing N N 63  
GLN CB  HB3  sing N N 64  
GLN CG  CD   sing N N 65  
GLN CG  HG2  sing N N 66  
GLN CG  HG3  sing N N 67  
GLN CD  OE1  doub N N 68  
GLN CD  NE2  sing N N 69  
GLN NE2 HE21 sing N N 70  
GLN NE2 HE22 sing N N 71  
GLN OXT HXT  sing N N 72  
GLU N   CA   sing N N 73  
GLU N   H    sing N N 74  
GLU N   H2   sing N N 75  
GLU CA  C    sing N N 76  
GLU CA  CB   sing N N 77  
GLU CA  HA   sing N N 78  
GLU C   O    doub N N 79  
GLU C   OXT  sing N N 80  
GLU CB  CG   sing N N 81  
GLU CB  HB2  sing N N 82  
GLU CB  HB3  sing N N 83  
GLU CG  CD   sing N N 84  
GLU CG  HG2  sing N N 85  
GLU CG  HG3  sing N N 86  
GLU CD  OE1  doub N N 87  
GLU CD  OE2  sing N N 88  
GLU OE2 HE2  sing N N 89  
GLU OXT HXT  sing N N 90  
LEU N   CA   sing N N 91  
LEU N   H    sing N N 92  
LEU N   H2   sing N N 93  
LEU CA  C    sing N N 94  
LEU CA  CB   sing N N 95  
LEU CA  HA   sing N N 96  
LEU C   O    doub N N 97  
LEU C   OXT  sing N N 98  
LEU CB  CG   sing N N 99  
LEU CB  HB2  sing N N 100 
LEU CB  HB3  sing N N 101 
LEU CG  CD1  sing N N 102 
LEU CG  CD2  sing N N 103 
LEU CG  HG   sing N N 104 
LEU CD1 HD11 sing N N 105 
LEU CD1 HD12 sing N N 106 
LEU CD1 HD13 sing N N 107 
LEU CD2 HD21 sing N N 108 
LEU CD2 HD22 sing N N 109 
LEU CD2 HD23 sing N N 110 
LEU OXT HXT  sing N N 111 
PHE N   CA   sing N N 112 
PHE N   H    sing N N 113 
PHE N   H2   sing N N 114 
PHE CA  C    sing N N 115 
PHE CA  CB   sing N N 116 
PHE CA  HA   sing N N 117 
PHE C   O    doub N N 118 
PHE C   OXT  sing N N 119 
PHE CB  CG   sing N N 120 
PHE CB  HB2  sing N N 121 
PHE CB  HB3  sing N N 122 
PHE CG  CD1  doub Y N 123 
PHE CG  CD2  sing Y N 124 
PHE CD1 CE1  sing Y N 125 
PHE CD1 HD1  sing N N 126 
PHE CD2 CE2  doub Y N 127 
PHE CD2 HD2  sing N N 128 
PHE CE1 CZ   doub Y N 129 
PHE CE1 HE1  sing N N 130 
PHE CE2 CZ   sing Y N 131 
PHE CE2 HE2  sing N N 132 
PHE CZ  HZ   sing N N 133 
PHE OXT HXT  sing N N 134 
SER N   CA   sing N N 135 
SER N   H    sing N N 136 
SER N   H2   sing N N 137 
SER CA  C    sing N N 138 
SER CA  CB   sing N N 139 
SER CA  HA   sing N N 140 
SER C   O    doub N N 141 
SER C   OXT  sing N N 142 
SER CB  OG   sing N N 143 
SER CB  HB2  sing N N 144 
SER CB  HB3  sing N N 145 
SER OG  HG   sing N N 146 
SER OXT HXT  sing N N 147 
TRP N   CA   sing N N 148 
TRP N   H    sing N N 149 
TRP N   H2   sing N N 150 
TRP CA  C    sing N N 151 
TRP CA  CB   sing N N 152 
TRP CA  HA   sing N N 153 
TRP C   O    doub N N 154 
TRP C   OXT  sing N N 155 
TRP CB  CG   sing N N 156 
TRP CB  HB2  sing N N 157 
TRP CB  HB3  sing N N 158 
TRP CG  CD1  doub Y N 159 
TRP CG  CD2  sing Y N 160 
TRP CD1 NE1  sing Y N 161 
TRP CD1 HD1  sing N N 162 
TRP CD2 CE2  doub Y N 163 
TRP CD2 CE3  sing Y N 164 
TRP NE1 CE2  sing Y N 165 
TRP NE1 HE1  sing N N 166 
TRP CE2 CZ2  sing Y N 167 
TRP CE3 CZ3  doub Y N 168 
TRP CE3 HE3  sing N N 169 
TRP CZ2 CH2  doub Y N 170 
TRP CZ2 HZ2  sing N N 171 
TRP CZ3 CH2  sing Y N 172 
TRP CZ3 HZ3  sing N N 173 
TRP CH2 HH2  sing N N 174 
TRP OXT HXT  sing N N 175 
TYR N   CA   sing N N 176 
TYR N   H    sing N N 177 
TYR N   H2   sing N N 178 
TYR CA  C    sing N N 179 
TYR CA  CB   sing N N 180 
TYR CA  HA   sing N N 181 
TYR C   O    doub N N 182 
TYR C   OXT  sing N N 183 
TYR CB  CG   sing N N 184 
TYR CB  HB2  sing N N 185 
TYR CB  HB3  sing N N 186 
TYR CG  CD1  doub Y N 187 
TYR CG  CD2  sing Y N 188 
TYR CD1 CE1  sing Y N 189 
TYR CD1 HD1  sing N N 190 
TYR CD2 CE2  doub Y N 191 
TYR CD2 HD2  sing N N 192 
TYR CE1 CZ   doub Y N 193 
TYR CE1 HE1  sing N N 194 
TYR CE2 CZ   sing Y N 195 
TYR CE2 HE2  sing N N 196 
TYR CZ  OH   sing N N 197 
TYR OH  HH   sing N N 198 
TYR OXT HXT  sing N N 199 
VAL N   CA   sing N N 200 
VAL N   H    sing N N 201 
VAL N   H2   sing N N 202 
VAL CA  C    sing N N 203 
VAL CA  CB   sing N N 204 
VAL CA  HA   sing N N 205 
VAL C   O    doub N N 206 
VAL C   OXT  sing N N 207 
VAL CB  CG1  sing N N 208 
VAL CB  CG2  sing N N 209 
VAL CB  HB   sing N N 210 
VAL CG1 HG11 sing N N 211 
VAL CG1 HG12 sing N N 212 
VAL CG1 HG13 sing N N 213 
VAL CG2 HG21 sing N N 214 
VAL CG2 HG22 sing N N 215 
VAL CG2 HG23 sing N N 216 
VAL OXT HXT  sing N N 217 
# 
_pdbx_nmr_spectrometer.spectrometer_id   1 
_pdbx_nmr_spectrometer.type              ? 
_pdbx_nmr_spectrometer.manufacturer      Varian 
_pdbx_nmr_spectrometer.model             INOVA 
_pdbx_nmr_spectrometer.field_strength    600 
# 
_atom_sites.entry_id                    1ID7 
_atom_sites.fract_transf_matrix[1][1]   1.000000 
_atom_sites.fract_transf_matrix[1][2]   0.000000 
_atom_sites.fract_transf_matrix[1][3]   0.000000 
_atom_sites.fract_transf_matrix[2][1]   0.000000 
_atom_sites.fract_transf_matrix[2][2]   1.000000 
_atom_sites.fract_transf_matrix[2][3]   0.000000 
_atom_sites.fract_transf_matrix[3][1]   0.000000 
_atom_sites.fract_transf_matrix[3][2]   0.000000 
_atom_sites.fract_transf_matrix[3][3]   1.000000 
_atom_sites.fract_transf_vector[1]      0.00000 
_atom_sites.fract_transf_vector[2]      0.00000 
_atom_sites.fract_transf_vector[3]      0.00000 
# 
loop_
_atom_type.symbol 
C 
H 
N 
O 
# 
loop_
_atom_site.group_PDB 
_atom_site.id 
_atom_site.type_symbol 
_atom_site.label_atom_id 
_atom_site.label_alt_id 
_atom_site.label_comp_id 
_atom_site.label_asym_id 
_atom_site.label_entity_id 
_atom_site.label_seq_id 
_atom_site.pdbx_PDB_ins_code 
_atom_site.Cartn_x 
_atom_site.Cartn_y 
_atom_site.Cartn_z 
_atom_site.occupancy 
_atom_site.B_iso_or_equiv 
_atom_site.pdbx_formal_charge 
_atom_site.auth_seq_id 
_atom_site.auth_comp_id 
_atom_site.auth_asym_id 
_atom_site.auth_atom_id 
_atom_site.pdbx_PDB_model_num 
ATOM 1   N N    . VAL A 1 2  ? 5.998  0.237  -0.302  1.00 0.00 ? 2  VAL A N    1 
ATOM 2   C CA   . VAL A 1 2  ? 5.666  -1.175 -0.361  1.00 0.00 ? 2  VAL A CA   1 
ATOM 3   C C    . VAL A 1 2  ? 5.007  -1.491 -1.699  1.00 0.00 ? 2  VAL A C    1 
ATOM 4   O O    . VAL A 1 2  ? 5.696  -1.515 -2.720  1.00 0.00 ? 2  VAL A O    1 
ATOM 5   C CB   . VAL A 1 2  ? 4.743  -1.524 0.805   1.00 0.00 ? 2  VAL A CB   1 
ATOM 6   C CG1  . VAL A 1 2  ? 4.242  -2.955 0.637   1.00 0.00 ? 2  VAL A CG1  1 
ATOM 7   C CG2  . VAL A 1 2  ? 5.506  -1.396 2.119   1.00 0.00 ? 2  VAL A CG2  1 
ATOM 8   H H    . VAL A 1 2  ? 5.337  0.864  0.134   1.00 0.00 ? 2  VAL A H    1 
ATOM 9   H HA   . VAL A 1 2  ? 6.585  -1.758 -0.273  1.00 0.00 ? 2  VAL A HA   1 
ATOM 10  H HB   . VAL A 1 2  ? 3.895  -0.837 0.806   1.00 0.00 ? 2  VAL A HB   1 
ATOM 11  H HG11 . VAL A 1 2  ? 4.988  -3.540 0.099   1.00 0.00 ? 2  VAL A HG11 1 
ATOM 12  H HG12 . VAL A 1 2  ? 4.072  -3.399 1.618   1.00 0.00 ? 2  VAL A HG12 1 
ATOM 13  H HG13 . VAL A 1 2  ? 3.310  -2.949 0.072   1.00 0.00 ? 2  VAL A HG13 1 
ATOM 14  H HG21 . VAL A 1 2  ? 5.288  -0.429 2.574   1.00 0.00 ? 2  VAL A HG21 1 
ATOM 15  H HG22 . VAL A 1 2  ? 5.199  -2.193 2.797   1.00 0.00 ? 2  VAL A HG22 1 
ATOM 16  H HG23 . VAL A 1 2  ? 6.576  -1.474 1.927   1.00 0.00 ? 2  VAL A HG23 1 
ATOM 17  N N    . GLN A 1 3  ? 3.672  -1.513 -1.720  1.00 0.00 ? 3  GLN A N    1 
ATOM 18  C CA   . GLN A 1 3  ? 2.940  -1.532 -2.979  1.00 0.00 ? 3  GLN A CA   1 
ATOM 19  C C    . GLN A 1 3  ? 1.777  -0.548 -2.887  1.00 0.00 ? 3  GLN A C    1 
ATOM 20  O O    . GLN A 1 3  ? 1.659  0.340  -3.729  1.00 0.00 ? 3  GLN A O    1 
ATOM 21  C CB   . GLN A 1 3  ? 2.441  -2.947 -3.253  1.00 0.00 ? 3  GLN A CB   1 
ATOM 22  C CG   . GLN A 1 3  ? 2.409  -3.192 -4.761  1.00 0.00 ? 3  GLN A CG   1 
ATOM 23  C CD   . GLN A 1 3  ? 1.472  -2.207 -5.450  1.00 0.00 ? 3  GLN A CD   1 
ATOM 24  O OE1  . GLN A 1 3  ? 1.878  -1.091 -5.767  1.00 0.00 ? 3  GLN A OE1  1 
ATOM 25  N NE2  . GLN A 1 3  ? 0.294  -2.689 -5.853  1.00 0.00 ? 3  GLN A NE2  1 
ATOM 26  H H    . GLN A 1 3  ? 3.151  -1.234 -0.897  1.00 0.00 ? 3  GLN A H    1 
ATOM 27  H HA   . GLN A 1 3  ? 3.612  -1.224 -3.781  1.00 0.00 ? 3  GLN A HA   1 
ATOM 28  H HB2  . GLN A 1 3  ? 3.112  -3.667 -2.785  1.00 0.00 ? 3  GLN A HB2  1 
ATOM 29  H HB3  . GLN A 1 3  ? 1.437  -3.066 -2.845  1.00 0.00 ? 3  GLN A HB3  1 
ATOM 30  H HG2  . GLN A 1 3  ? 3.415  -3.074 -5.165  1.00 0.00 ? 3  GLN A HG2  1 
ATOM 31  H HG3  . GLN A 1 3  ? 2.062  -4.210 -4.952  1.00 0.00 ? 3  GLN A HG3  1 
ATOM 32  H HE21 . GLN A 1 3  ? 0.062  -3.658 -5.684  1.00 0.00 ? 3  GLN A HE21 1 
ATOM 33  H HE22 . GLN A 1 3  ? -0.318 -2.116 -6.417  1.00 0.00 ? 3  GLN A HE22 1 
ATOM 34  N N    . ALA A 1 4  ? 1.148  -0.503 -1.699  1.00 0.00 ? 4  ALA A N    1 
ATOM 35  C CA   . ALA A 1 4  ? -0.037 0.330  -1.539  1.00 0.00 ? 4  ALA A CA   1 
ATOM 36  C C    . ALA A 1 4  ? -1.100 -0.114 -2.544  1.00 0.00 ? 4  ALA A C    1 
ATOM 37  O O    . ALA A 1 4  ? -0.727 -0.718 -3.554  1.00 0.00 ? 4  ALA A O    1 
ATOM 38  C CB   . ALA A 1 4  ? 0.332  1.792  -1.759  1.00 0.00 ? 4  ALA A CB   1 
ATOM 39  H H    . ALA A 1 4  ? 1.234  -1.304 -1.082  1.00 0.00 ? 4  ALA A H    1 
ATOM 40  H HA   . ALA A 1 4  ? -0.427 0.200  -0.529  1.00 0.00 ? 4  ALA A HA   1 
ATOM 41  H HB1  . ALA A 1 4  ? 0.498  1.972  -2.821  1.00 0.00 ? 4  ALA A HB1  1 
ATOM 42  H HB2  . ALA A 1 4  ? -0.481 2.429  -1.408  1.00 0.00 ? 4  ALA A HB2  1 
ATOM 43  H HB3  . ALA A 1 4  ? 1.241  2.027  -1.205  1.00 0.00 ? 4  ALA A HB3  1 
ATOM 44  N N    . ARG A 1 5  ? -2.236 0.616  -2.549  1.00 0.00 ? 5  ARG A N    1 
ATOM 45  C CA   . ARG A 1 5  ? -3.331 0.208  -3.420  1.00 0.00 ? 5  ARG A CA   1 
ATOM 46  C C    . ARG A 1 5  ? -3.333 -1.321 -3.497  1.00 0.00 ? 5  ARG A C    1 
ATOM 47  O O    . ARG A 1 5  ? -3.429 -1.881 -4.586  1.00 0.00 ? 5  ARG A O    1 
ATOM 48  C CB   . ARG A 1 5  ? -3.212 0.822  -4.807  1.00 0.00 ? 5  ARG A CB   1 
ATOM 49  C CG   . ARG A 1 5  ? -1.768 1.082  -5.211  1.00 0.00 ? 5  ARG A CG   1 
ATOM 50  C CD   . ARG A 1 5  ? -1.198 -0.132 -5.944  1.00 0.00 ? 5  ARG A CD   1 
ATOM 51  N NE   . ARG A 1 5  ? -1.490 -0.064 -7.378  1.00 0.00 ? 5  ARG A NE   1 
ATOM 52  C CZ   . ARG A 1 5  ? -0.838 0.755  -8.216  1.00 0.00 ? 5  ARG A CZ   1 
ATOM 53  N NH1  . ARG A 1 5  ? 0.129  1.559  -7.750  1.00 0.00 ? 5  ARG A NH1  1 
ATOM 54  N NH2  . ARG A 1 5  ? -1.139 0.759  -9.521  1.00 0.00 ? 5  ARG A NH2  1 
ATOM 55  H H    . ARG A 1 5  ? -2.494 1.050  -1.665  1.00 0.00 ? 5  ARG A H    1 
ATOM 56  H HA   . ARG A 1 5  ? -4.281 0.524  -2.980  1.00 0.00 ? 5  ARG A HA   1 
ATOM 57  H HB2  . ARG A 1 5  ? -3.669 0.144  -5.535  1.00 0.00 ? 5  ARG A HB2  1 
ATOM 58  H HB3  . ARG A 1 5  ? -3.762 1.767  -4.825  1.00 0.00 ? 5  ARG A HB3  1 
ATOM 59  H HG2  . ARG A 1 5  ? -1.738 1.942  -5.887  1.00 0.00 ? 5  ARG A HG2  1 
ATOM 60  H HG3  . ARG A 1 5  ? -1.163 1.304  -4.335  1.00 0.00 ? 5  ARG A HG3  1 
ATOM 61  H HD2  . ARG A 1 5  ? -0.116 -0.161 -5.799  1.00 0.00 ? 5  ARG A HD2  1 
ATOM 62  H HD3  . ARG A 1 5  ? -1.631 -1.044 -5.530  1.00 0.00 ? 5  ARG A HD3  1 
ATOM 63  H HE   . ARG A 1 5  ? -2.209 -0.678 -7.739  1.00 0.00 ? 5  ARG A HE   1 
ATOM 64  H HH11 . ARG A 1 5  ? 0.340  1.574  -6.762  1.00 0.00 ? 5  ARG A HH11 1 
ATOM 65  H HH12 . ARG A 1 5  ? 0.604  2.192  -8.377  1.00 0.00 ? 5  ARG A HH12 1 
ATOM 66  H HH21 . ARG A 1 5  ? -1.837 0.122  -9.879  1.00 0.00 ? 5  ARG A HH21 1 
ATOM 67  H HH22 . ARG A 1 5  ? -0.617 1.344  -10.158 1.00 0.00 ? 5  ARG A HH22 1 
ATOM 68  N N    . TRP A 1 6  ? -3.034 -1.966 -2.360  1.00 0.00 ? 6  TRP A N    1 
ATOM 69  C CA   . TRP A 1 6  ? -2.720 -3.387 -2.369  1.00 0.00 ? 6  TRP A CA   1 
ATOM 70  C C    . TRP A 1 6  ? -3.231 -4.051 -1.097  1.00 0.00 ? 6  TRP A C    1 
ATOM 71  O O    . TRP A 1 6  ? -4.368 -3.788 -0.698  1.00 0.00 ? 6  TRP A O    1 
ATOM 72  C CB   . TRP A 1 6  ? -1.202 -3.552 -2.494  1.00 0.00 ? 6  TRP A CB   1 
ATOM 73  C CG   . TRP A 1 6  ? -0.442 -3.334 -1.218  1.00 0.00 ? 6  TRP A CG   1 
ATOM 74  C CD1  . TRP A 1 6  ? -0.781 -2.543 -0.188  1.00 0.00 ? 6  TRP A CD1  1 
ATOM 75  C CD2  . TRP A 1 6  ? 0.760  -4.053 -0.785  1.00 0.00 ? 6  TRP A CD2  1 
ATOM 76  N NE1  . TRP A 1 6  ? -0.049 -2.913 0.931   1.00 0.00 ? 6  TRP A NE1  1 
ATOM 77  C CE2  . TRP A 1 6  ? 0.940  -3.823 0.601   1.00 0.00 ? 6  TRP A CE2  1 
ATOM 78  C CE3  . TRP A 1 6  ? 1.668  -4.916 -1.416  1.00 0.00 ? 6  TRP A CE3  1 
ATOM 79  C CZ2  . TRP A 1 6  ? 1.979  -4.425 1.323   1.00 0.00 ? 6  TRP A CZ2  1 
ATOM 80  C CZ3  . TRP A 1 6  ? 2.706  -5.528 -0.707  1.00 0.00 ? 6  TRP A CZ3  1 
ATOM 81  C CH2  . TRP A 1 6  ? 2.878  -5.273 0.660   1.00 0.00 ? 6  TRP A CH2  1 
ATOM 82  H H    . TRP A 1 6  ? -2.703 -1.433 -1.564  1.00 0.00 ? 6  TRP A H    1 
ATOM 83  H HA   . TRP A 1 6  ? -3.199 -3.849 -3.234  1.00 0.00 ? 6  TRP A HA   1 
ATOM 84  H HB2  . TRP A 1 6  ? -1.015 -4.582 -2.831  1.00 0.00 ? 6  TRP A HB2  1 
ATOM 85  H HB3  . TRP A 1 6  ? -0.825 -2.877 -3.260  1.00 0.00 ? 6  TRP A HB3  1 
ATOM 86  H HD1  . TRP A 1 6  ? -1.760 -2.116 -0.083  1.00 0.00 ? 6  TRP A HD1  1 
ATOM 87  H HE1  . TRP A 1 6  ? 0.060  -2.302 1.735   1.00 0.00 ? 6  TRP A HE1  1 
ATOM 88  H HE3  . TRP A 1 6  ? 1.548  -5.100 -2.475  1.00 0.00 ? 6  TRP A HE3  1 
ATOM 89  H HZ2  . TRP A 1 6  ? 2.098  -4.226 2.376   1.00 0.00 ? 6  TRP A HZ2  1 
ATOM 90  H HZ3  . TRP A 1 6  ? 3.401  -6.175 -1.223  1.00 0.00 ? 6  TRP A HZ3  1 
ATOM 91  H HH2  . TRP A 1 6  ? 3.672  -5.757 1.207   1.00 0.00 ? 6  TRP A HH2  1 
ATOM 92  N N    . GLU A 1 7  ? -2.548 -5.115 -0.663  1.00 0.00 ? 7  GLU A N    1 
ATOM 93  C CA   . GLU A 1 7  ? -3.045 -5.958 0.411   1.00 0.00 ? 7  GLU A CA   1 
ATOM 94  C C    . GLU A 1 7  ? -3.750 -5.097 1.454   1.00 0.00 ? 7  GLU A C    1 
ATOM 95  O O    . GLU A 1 7  ? -4.863 -5.422 1.867   1.00 0.00 ? 7  GLU A O    1 
ATOM 96  C CB   . GLU A 1 7  ? -1.879 -6.720 1.035   1.00 0.00 ? 7  GLU A CB   1 
ATOM 97  C CG   . GLU A 1 7  ? -2.006 -8.206 0.706   1.00 0.00 ? 7  GLU A CG   1 
ATOM 98  C CD   . GLU A 1 7  ? -1.445 -9.060 1.835   1.00 0.00 ? 7  GLU A CD   1 
ATOM 99  O OE1  . GLU A 1 7  ? -0.241 -9.385 1.753   1.00 0.00 ? 7  GLU A OE1  1 
ATOM 100 O OE2  . GLU A 1 7  ? -2.256 -9.457 2.700   1.00 0.00 ? 7  GLU A OE2  1 
ATOM 101 H H    . GLU A 1 7  ? -1.716 -5.418 -1.151  1.00 0.00 ? 7  GLU A H    1 
ATOM 102 H HA   . GLU A 1 7  ? -3.759 -6.673 -0.003  1.00 0.00 ? 7  GLU A HA   1 
ATOM 103 H HB2  . GLU A 1 7  ? -0.940 -6.338 0.635   1.00 0.00 ? 7  GLU A HB2  1 
ATOM 104 H HB3  . GLU A 1 7  ? -1.895 -6.586 2.117   1.00 0.00 ? 7  GLU A HB3  1 
ATOM 105 H HG2  . GLU A 1 7  ? -3.060 -8.451 0.559   1.00 0.00 ? 7  GLU A HG2  1 
ATOM 106 H HG3  . GLU A 1 7  ? -1.457 -8.418 -0.213  1.00 0.00 ? 7  GLU A HG3  1 
ATOM 107 N N    . ALA A 1 8  ? -3.227 -3.885 1.670   1.00 0.00 ? 8  ALA A N    1 
ATOM 108 C CA   . ALA A 1 8  ? -3.906 -2.894 2.484   1.00 0.00 ? 8  ALA A CA   1 
ATOM 109 C C    . ALA A 1 8  ? -3.418 -1.499 2.094   1.00 0.00 ? 8  ALA A C    1 
ATOM 110 O O    . ALA A 1 8  ? -3.897 -0.960 1.093   1.00 0.00 ? 8  ALA A O    1 
ATOM 111 C CB   . ALA A 1 8  ? -3.627 -3.168 3.959   1.00 0.00 ? 8  ALA A CB   1 
ATOM 112 H H    . ALA A 1 8  ? -2.407 -3.594 1.156   1.00 0.00 ? 8  ALA A H    1 
ATOM 113 H HA   . ALA A 1 8  ? -4.980 -2.955 2.303   1.00 0.00 ? 8  ALA A HA   1 
ATOM 114 H HB1  . ALA A 1 8  ? -2.614 -3.556 4.072   1.00 0.00 ? 8  ALA A HB1  1 
ATOM 115 H HB2  . ALA A 1 8  ? -3.727 -2.243 4.527   1.00 0.00 ? 8  ALA A HB2  1 
ATOM 116 H HB3  . ALA A 1 8  ? -4.340 -3.904 4.333   1.00 0.00 ? 8  ALA A HB3  1 
ATOM 117 N N    . ALA A 1 9  ? -2.265 -1.104 2.646   1.00 0.00 ? 9  ALA A N    1 
ATOM 118 C CA   . ALA A 1 9  ? -1.533 0.043  2.133   1.00 0.00 ? 9  ALA A CA   1 
ATOM 119 C C    . ALA A 1 9  ? -0.495 0.489  3.156   1.00 0.00 ? 9  ALA A C    1 
ATOM 120 O O    . ALA A 1 9  ? -0.709 0.345  4.359   1.00 0.00 ? 9  ALA A O    1 
ATOM 121 C CB   . ALA A 1 9  ? -2.505 1.178  1.823   1.00 0.00 ? 9  ALA A CB   1 
ATOM 122 H H    . ALA A 1 9  ? -1.759 -1.737 3.254   1.00 0.00 ? 9  ALA A H    1 
ATOM 123 H HA   . ALA A 1 9  ? -1.022 -0.252 1.215   1.00 0.00 ? 9  ALA A HA   1 
ATOM 124 H HB1  . ALA A 1 9  ? -2.026 2.132  2.048   1.00 0.00 ? 9  ALA A HB1  1 
ATOM 125 H HB2  . ALA A 1 9  ? -2.773 1.146  0.767   1.00 0.00 ? 9  ALA A HB2  1 
ATOM 126 H HB3  . ALA A 1 9  ? -3.401 1.068  2.432   1.00 0.00 ? 9  ALA A HB3  1 
ATOM 127 N N    . PHE A 1 10 ? 0.658  0.964  2.668   1.00 0.00 ? 10 PHE A N    1 
ATOM 128 C CA   . PHE A 1 10 ? 1.808  1.175  3.537   1.00 0.00 ? 10 PHE A CA   1 
ATOM 129 C C    . PHE A 1 10 ? 2.287  2.620  3.426   1.00 0.00 ? 10 PHE A C    1 
ATOM 130 O O    . PHE A 1 10 ? 2.123  3.386  4.379   1.00 0.00 ? 10 PHE A O    1 
ATOM 131 C CB   . PHE A 1 10 ? 2.922  0.209  3.120   1.00 0.00 ? 10 PHE A CB   1 
ATOM 132 C CG   . PHE A 1 10 ? 3.073  -0.969 4.057   1.00 0.00 ? 10 PHE A CG   1 
ATOM 133 C CD1  . PHE A 1 10 ? 3.356  -0.752 5.410   1.00 0.00 ? 10 PHE A CD1  1 
ATOM 134 C CD2  . PHE A 1 10 ? 2.930  -2.273 3.571   1.00 0.00 ? 10 PHE A CD2  1 
ATOM 135 C CE1  . PHE A 1 10 ? 3.496  -1.842 6.278   1.00 0.00 ? 10 PHE A CE1  1 
ATOM 136 C CE2  . PHE A 1 10 ? 3.068  -3.363 4.438   1.00 0.00 ? 10 PHE A CE2  1 
ATOM 137 C CZ   . PHE A 1 10 ? 3.353  -3.148 5.792   1.00 0.00 ? 10 PHE A CZ   1 
ATOM 138 H H    . PHE A 1 10 ? 0.858  0.836  1.681   1.00 0.00 ? 10 PHE A H    1 
ATOM 139 H HA   . PHE A 1 10 ? 1.527  0.964  4.569   1.00 0.00 ? 10 PHE A HA   1 
ATOM 140 H HB2  . PHE A 1 10 ? 2.700  -0.160 2.116   1.00 0.00 ? 10 PHE A HB2  1 
ATOM 141 H HB3  . PHE A 1 10 ? 3.867  0.757  3.090   1.00 0.00 ? 10 PHE A HB3  1 
ATOM 142 H HD1  . PHE A 1 10 ? 3.467  0.254  5.784   1.00 0.00 ? 10 PHE A HD1  1 
ATOM 143 H HD2  . PHE A 1 10 ? 2.710  -2.435 2.525   1.00 0.00 ? 10 PHE A HD2  1 
ATOM 144 H HE1  . PHE A 1 10 ? 3.715  -1.676 7.323   1.00 0.00 ? 10 PHE A HE1  1 
ATOM 145 H HE2  . PHE A 1 10 ? 2.959  -4.370 4.063   1.00 0.00 ? 10 PHE A HE2  1 
ATOM 146 H HZ   . PHE A 1 10 ? 3.460  -3.988 6.461   1.00 0.00 ? 10 PHE A HZ   1 
ATOM 147 N N    . ASP A 1 11 ? 3.181  2.866  2.462   1.00 0.00 ? 11 ASP A N    1 
ATOM 148 C CA   . ASP A 1 11 ? 3.895  4.129  2.386   1.00 0.00 ? 11 ASP A CA   1 
ATOM 149 C C    . ASP A 1 11 ? 3.387  4.945  1.207   1.00 0.00 ? 11 ASP A C    1 
ATOM 150 O O    . ASP A 1 11 ? 3.786  6.093  1.026   1.00 0.00 ? 11 ASP A O    1 
ATOM 151 C CB   . ASP A 1 11 ? 5.393  3.850  2.245   1.00 0.00 ? 11 ASP A CB   1 
ATOM 152 C CG   . ASP A 1 11 ? 6.210  5.059  2.679   1.00 0.00 ? 11 ASP A CG   1 
ATOM 153 O OD1  . ASP A 1 11 ? 6.368  5.969  1.835   1.00 0.00 ? 11 ASP A OD1  1 
ATOM 154 O OD2  . ASP A 1 11 ? 6.600  5.082  3.866   1.00 0.00 ? 11 ASP A OD2  1 
ATOM 155 H H    . ASP A 1 11 ? 3.457  2.129  1.828   1.00 0.00 ? 11 ASP A H    1 
ATOM 156 H HA   . ASP A 1 11 ? 3.726  4.687  3.308   1.00 0.00 ? 11 ASP A HA   1 
ATOM 157 H HB2  . ASP A 1 11 ? 5.657  2.994  2.867   1.00 0.00 ? 11 ASP A HB2  1 
ATOM 158 H HB3  . ASP A 1 11 ? 5.616  3.619  1.202   1.00 0.00 ? 11 ASP A HB3  1 
ATOM 159 N N    . LEU A 1 12 ? 2.505  4.348  0.401   1.00 0.00 ? 12 LEU A N    1 
ATOM 160 C CA   . LEU A 1 12 ? 1.872  5.058  -0.697  1.00 0.00 ? 12 LEU A CA   1 
ATOM 161 C C    . LEU A 1 12 ? 0.369  5.138  -0.449  1.00 0.00 ? 12 LEU A C    1 
ATOM 162 O O    . LEU A 1 12 ? -0.203 6.228  -0.471  1.00 0.00 ? 12 LEU A O    1 
ATOM 163 C CB   . LEU A 1 12 ? 2.166  4.329  -2.007  1.00 0.00 ? 12 LEU A CB   1 
ATOM 164 C CG   . LEU A 1 12 ? 3.227  3.258  -1.776  1.00 0.00 ? 12 LEU A CG   1 
ATOM 165 C CD1  . LEU A 1 12 ? 3.267  2.314  -2.976  1.00 0.00 ? 12 LEU A CD1  1 
ATOM 166 C CD2  . LEU A 1 12 ? 4.591  3.924  -1.611  1.00 0.00 ? 12 LEU A CD2  1 
ATOM 167 H H    . LEU A 1 12 ? 2.142  3.438  0.646   1.00 0.00 ? 12 LEU A H    1 
ATOM 168 H HA   . LEU A 1 12 ? 2.280  6.068  -0.754  1.00 0.00 ? 12 LEU A HA   1 
ATOM 169 H HB2  . LEU A 1 12 ? 1.251  3.866  -2.377  1.00 0.00 ? 12 LEU A HB2  1 
ATOM 170 H HB3  . LEU A 1 12 ? 2.530  5.045  -2.745  1.00 0.00 ? 12 LEU A HB3  1 
ATOM 171 H HG   . LEU A 1 12 ? 2.990  2.687  -0.878  1.00 0.00 ? 12 LEU A HG   1 
ATOM 172 H HD11 . LEU A 1 12 ? 4.135  2.546  -3.592  1.00 0.00 ? 12 LEU A HD11 1 
ATOM 173 H HD12 . LEU A 1 12 ? 3.333  1.284  -2.625  1.00 0.00 ? 12 LEU A HD12 1 
ATOM 174 H HD13 . LEU A 1 12 ? 2.358  2.440  -3.566  1.00 0.00 ? 12 LEU A HD13 1 
ATOM 175 H HD21 . LEU A 1 12 ? 4.548  4.940  -2.005  1.00 0.00 ? 12 LEU A HD21 1 
ATOM 176 H HD22 . LEU A 1 12 ? 4.852  3.957  -0.553  1.00 0.00 ? 12 LEU A HD22 1 
ATOM 177 H HD23 . LEU A 1 12 ? 5.342  3.354  -2.156  1.00 0.00 ? 12 LEU A HD23 1 
ATOM 178 N N    . ASP A 1 13 ? -0.209 4.033  0.028   1.00 0.00 ? 13 ASP A N    1 
ATOM 179 C CA   . ASP A 1 13 ? -1.608 4.002  0.413   1.00 0.00 ? 13 ASP A CA   1 
ATOM 180 C C    . ASP A 1 13 ? -2.420 4.880  -0.531  1.00 0.00 ? 13 ASP A C    1 
ATOM 181 O O    . ASP A 1 13 ? -3.178 5.736  -0.078  1.00 0.00 ? 13 ASP A O    1 
ATOM 182 C CB   . ASP A 1 13 ? -1.743 4.483  1.858   1.00 0.00 ? 13 ASP A CB   1 
ATOM 183 C CG   . ASP A 1 13 ? -3.205 4.509  2.285   1.00 0.00 ? 13 ASP A CG   1 
ATOM 184 O OD1  . ASP A 1 13 ? -3.993 3.775  1.649   1.00 0.00 ? 13 ASP A OD1  1 
ATOM 185 O OD2  . ASP A 1 13 ? -3.488 5.184  3.298   1.00 0.00 ? 13 ASP A OD2  1 
ATOM 186 H H    . ASP A 1 13 ? 0.331  3.186  0.135   1.00 0.00 ? 13 ASP A H    1 
ATOM 187 H HA   . ASP A 1 13 ? -1.973 2.976  0.345   1.00 0.00 ? 13 ASP A HA   1 
ATOM 188 H HB2  . ASP A 1 13 ? -1.190 3.807  2.512   1.00 0.00 ? 13 ASP A HB2  1 
ATOM 189 H HB3  . ASP A 1 13 ? -1.326 5.487  1.943   1.00 0.00 ? 13 ASP A HB3  1 
# 
